data_6L6W
#
_entry.id   6L6W
#
_cell.length_a   96.890
_cell.length_b   96.890
_cell.length_c   69.490
_cell.angle_alpha   90.000
_cell.angle_beta   90.000
_cell.angle_gamma   90.000
#
_symmetry.space_group_name_H-M   'P 42'
#
loop_
_entity.id
_entity.type
_entity.pdbx_description
1 polymer 'ScoE protein'
2 non-polymer 'FE (II) ION'
3 non-polymer '(3R)-3-[[(1R)-1,2-bis(oxidanyl)-2-oxidanylidene-ethyl]amino]butanoic acid'
4 non-polymer 'FORMIC ACID'
5 water water
#
_entity_poly.entity_id   1
_entity_poly.type   'polypeptide(L)'
_entity_poly.pdbx_seq_one_letter_code
;MGSSHHHHHHSSGLVPRGSHMKETAAAKFERQHMDSPDLGTGGGSGIEGRMQIDEQPGNAIGAAVEGFDHATASDADIDA
LKSTIYTKKIAVLKGQDLSPQQFLALGKRLGRPEAYYEPMYQHPEVTEIFVSSNVPENGKQIGVPKTGKFWHADYQFMPD
PFGITLIYPQVIPEKNRGTYFIDMGRAYDRLPEDLKKEISGTYCRHSVRKYFKIRPHDVYRPISEIIEEVERKTPAVVQP
TTFTHPMTGETVLYISEGFTVGIEDQDGKPLDEELLKRLFDATGQLDESFEHDNIHLQSFEQGDLLVWDNRSLIHRARHT
TTPEPTVSYRVTVHDERKLHDGIQAA
;
_entity_poly.pdbx_strand_id   A
#
# COMPACT_ATOMS: atom_id res chain seq x y z
N ARG A 50 -7.40 27.90 0.72
CA ARG A 50 -6.83 27.30 -0.48
C ARG A 50 -5.56 26.47 -0.20
N MET A 51 -5.24 25.57 -1.12
CA MET A 51 -4.29 24.50 -0.82
C MET A 51 -2.90 25.05 -0.58
N GLN A 52 -2.31 24.66 0.55
CA GLN A 52 -0.94 24.97 0.91
C GLN A 52 -0.22 23.67 1.25
N ILE A 53 0.86 23.38 0.53
CA ILE A 53 1.67 22.18 0.79
C ILE A 53 2.90 22.56 1.59
N ASP A 54 3.10 21.90 2.72
CA ASP A 54 4.24 22.10 3.60
C ASP A 54 5.07 20.81 3.63
N GLU A 55 6.16 20.77 2.86
CA GLU A 55 6.97 19.58 2.75
C GLU A 55 7.97 19.47 3.88
N GLN A 56 8.15 18.24 4.39
CA GLN A 56 9.21 17.97 5.34
C GLN A 56 10.56 18.30 4.70
N PRO A 57 11.53 18.80 5.49
CA PRO A 57 12.73 19.39 4.90
C PRO A 57 13.73 18.33 4.45
N GLY A 58 14.29 18.58 3.27
CA GLY A 58 15.38 17.73 2.78
C GLY A 58 14.85 16.43 2.25
N ASN A 59 15.47 15.33 2.67
CA ASN A 59 15.07 13.99 2.29
C ASN A 59 14.17 13.32 3.33
N ALA A 60 13.73 14.07 4.34
CA ALA A 60 12.78 13.54 5.30
C ALA A 60 11.45 13.26 4.59
N ILE A 61 10.82 12.16 4.98
CA ILE A 61 9.62 11.72 4.28
C ILE A 61 8.42 12.54 4.73
N GLY A 62 7.56 12.88 3.78
CA GLY A 62 6.23 13.36 4.13
C GLY A 62 5.94 14.81 3.81
N ALA A 63 4.65 15.17 3.83
CA ALA A 63 4.21 16.53 3.58
C ALA A 63 2.82 16.71 4.19
N ALA A 64 2.59 17.88 4.77
CA ALA A 64 1.27 18.24 5.27
C ALA A 64 0.60 19.12 4.23
N VAL A 65 -0.69 18.90 4.01
CA VAL A 65 -1.45 19.64 3.02
C VAL A 65 -2.62 20.29 3.74
N GLU A 66 -2.58 21.62 3.87
CA GLU A 66 -3.64 22.38 4.51
C GLU A 66 -4.54 23.02 3.47
N GLY A 67 -5.78 23.28 3.86
CA GLY A 67 -6.69 24.04 3.04
C GLY A 67 -7.15 23.37 1.79
N PHE A 68 -7.10 22.03 1.74
CA PHE A 68 -7.45 21.30 0.53
C PHE A 68 -8.92 20.93 0.53
N ASP A 69 -9.63 21.29 -0.53
CA ASP A 69 -11.02 20.91 -0.74
C ASP A 69 -11.11 20.32 -2.14
N HIS A 70 -11.41 19.02 -2.22
CA HIS A 70 -11.30 18.29 -3.47
C HIS A 70 -12.28 18.78 -4.52
N ALA A 71 -13.38 19.41 -4.10
CA ALA A 71 -14.40 19.82 -5.06
C ALA A 71 -14.05 21.13 -5.77
N THR A 72 -13.23 21.98 -5.15
CA THR A 72 -12.84 23.24 -5.76
C THR A 72 -11.34 23.35 -6.02
N ALA A 73 -10.55 22.32 -5.75
CA ALA A 73 -9.13 22.38 -6.08
C ALA A 73 -8.96 22.51 -7.59
N SER A 74 -7.98 23.30 -8.02
CA SER A 74 -7.75 23.45 -9.45
C SER A 74 -6.92 22.28 -9.99
N ASP A 75 -6.91 22.16 -11.32
CA ASP A 75 -5.97 21.26 -12.01
C ASP A 75 -4.54 21.44 -11.49
N ALA A 76 -4.06 22.68 -11.39
CA ALA A 76 -2.70 22.89 -10.94
C ALA A 76 -2.51 22.44 -9.50
N ASP A 77 -3.52 22.66 -8.64
CA ASP A 77 -3.46 22.11 -7.29
C ASP A 77 -3.25 20.59 -7.32
N ILE A 78 -4.01 19.90 -8.19
CA ILE A 78 -3.95 18.44 -8.24
C ILE A 78 -2.57 17.98 -8.71
N ASP A 79 -2.04 18.62 -9.77
CA ASP A 79 -0.72 18.26 -10.27
C ASP A 79 0.36 18.48 -9.22
N ALA A 80 0.22 19.53 -8.42
CA ALA A 80 1.24 19.80 -7.40
C ALA A 80 1.13 18.81 -6.25
N LEU A 81 -0.09 18.45 -5.87
CA LEU A 81 -0.28 17.40 -4.88
C LEU A 81 0.36 16.09 -5.35
N LYS A 82 0.08 15.70 -6.60
CA LYS A 82 0.68 14.49 -7.15
C LYS A 82 2.19 14.59 -7.16
N SER A 83 2.74 15.73 -7.57
CA SER A 83 4.19 15.89 -7.55
C SER A 83 4.73 15.71 -6.15
N THR A 84 4.00 16.19 -5.13
CA THR A 84 4.43 16.00 -3.75
C THR A 84 4.37 14.53 -3.35
N ILE A 85 3.32 13.82 -3.78
CA ILE A 85 3.23 12.40 -3.48
C ILE A 85 4.44 11.67 -4.05
N TYR A 86 4.77 11.91 -5.33
CA TYR A 86 5.86 11.17 -5.95
C TYR A 86 7.22 11.50 -5.34
N THR A 87 7.41 12.72 -4.82
CA THR A 87 8.71 13.13 -4.27
C THR A 87 8.81 12.98 -2.76
N LYS A 88 7.74 13.26 -2.01
CA LYS A 88 7.77 13.09 -0.56
C LYS A 88 7.08 11.81 -0.08
N LYS A 89 6.47 11.05 -1.00
CA LYS A 89 5.98 9.69 -0.74
C LYS A 89 4.68 9.67 0.06
N ILE A 90 4.53 10.49 1.11
CA ILE A 90 3.30 10.54 1.91
C ILE A 90 2.81 11.98 2.04
N ALA A 91 1.60 12.27 1.57
CA ALA A 91 0.96 13.56 1.78
C ALA A 91 -0.19 13.37 2.78
N VAL A 92 -0.20 14.17 3.83
CA VAL A 92 -1.26 14.13 4.84
C VAL A 92 -2.19 15.33 4.62
N LEU A 93 -3.38 15.07 4.08
CA LEU A 93 -4.40 16.11 3.92
C LEU A 93 -5.10 16.34 5.26
N LYS A 94 -5.08 17.60 5.74
CA LYS A 94 -5.62 17.93 7.05
C LYS A 94 -7.07 18.39 6.96
N GLY A 95 -7.80 18.19 8.06
CA GLY A 95 -9.17 18.71 8.19
C GLY A 95 -10.15 18.25 7.13
N GLN A 96 -10.07 16.98 6.71
CA GLN A 96 -11.01 16.43 5.74
C GLN A 96 -12.23 15.86 6.44
N ASP A 97 -13.42 16.29 6.01
CA ASP A 97 -14.70 15.83 6.57
C ASP A 97 -15.59 15.43 5.40
N LEU A 98 -15.44 14.18 4.94
CA LEU A 98 -16.05 13.75 3.69
C LEU A 98 -17.00 12.57 3.93
N SER A 99 -18.07 12.56 3.16
CA SER A 99 -18.91 11.40 3.03
C SER A 99 -18.21 10.36 2.17
N PRO A 100 -18.69 9.11 2.16
CA PRO A 100 -18.07 8.11 1.25
C PRO A 100 -18.07 8.55 -0.21
N GLN A 101 -19.16 9.13 -0.70
CA GLN A 101 -19.22 9.61 -2.07
C GLN A 101 -18.20 10.72 -2.33
N GLN A 102 -17.98 11.58 -1.34
CA GLN A 102 -17.01 12.66 -1.51
C GLN A 102 -15.58 12.13 -1.51
N PHE A 103 -15.31 11.13 -0.65
CA PHE A 103 -13.99 10.50 -0.63
C PHE A 103 -13.66 9.90 -2.00
N LEU A 104 -14.64 9.25 -2.62
CA LEU A 104 -14.44 8.70 -3.96
C LEU A 104 -14.16 9.82 -4.96
N ALA A 105 -14.96 10.89 -4.91
CA ALA A 105 -14.76 12.02 -5.81
C ALA A 105 -13.36 12.61 -5.65
N LEU A 106 -12.89 12.74 -4.41
CA LEU A 106 -11.51 13.16 -4.18
C LEU A 106 -10.52 12.22 -4.90
N GLY A 107 -10.68 10.91 -4.71
CA GLY A 107 -9.80 9.97 -5.38
C GLY A 107 -9.87 10.08 -6.88
N LYS A 108 -11.07 10.31 -7.42
CA LYS A 108 -11.23 10.50 -8.86
C LYS A 108 -10.48 11.74 -9.36
N ARG A 109 -10.24 12.74 -8.51
CA ARG A 109 -9.42 13.88 -8.94
C ARG A 109 -7.99 13.43 -9.25
N LEU A 110 -7.51 12.36 -8.61
CA LEU A 110 -6.11 11.96 -8.74
C LEU A 110 -5.87 10.96 -9.85
N GLY A 111 -6.91 10.29 -10.34
CA GLY A 111 -6.72 9.22 -11.31
C GLY A 111 -7.98 8.37 -11.38
N ARG A 112 -7.82 7.17 -11.96
CA ARG A 112 -8.94 6.27 -12.16
C ARG A 112 -9.02 5.30 -10.99
N PRO A 113 -10.01 5.41 -10.11
CA PRO A 113 -10.11 4.44 -9.00
C PRO A 113 -10.37 3.04 -9.52
N GLU A 114 -9.89 2.05 -8.77
CA GLU A 114 -10.22 0.67 -9.06
C GLU A 114 -10.76 0.02 -7.79
N ALA A 115 -11.89 -0.69 -7.92
CA ALA A 115 -12.49 -1.40 -6.80
C ALA A 115 -11.72 -2.68 -6.50
N TYR A 116 -11.59 -2.99 -5.20
CA TYR A 116 -10.92 -4.21 -4.79
C TYR A 116 -11.63 -5.42 -5.38
N TYR A 117 -10.85 -6.41 -5.82
CA TYR A 117 -11.40 -7.53 -6.56
C TYR A 117 -12.29 -8.44 -5.70
N GLU A 118 -12.05 -8.52 -4.38
CA GLU A 118 -12.89 -9.34 -3.48
C GLU A 118 -14.02 -8.51 -2.90
N PRO A 119 -15.28 -8.81 -3.22
CA PRO A 119 -16.37 -7.91 -2.85
C PRO A 119 -16.60 -7.74 -1.37
N MET A 120 -16.16 -8.66 -0.51
CA MET A 120 -16.48 -8.47 0.90
C MET A 120 -15.77 -7.26 1.50
N TYR A 121 -14.74 -6.74 0.82
CA TYR A 121 -14.09 -5.54 1.31
C TYR A 121 -14.82 -4.25 0.93
N GLN A 122 -15.79 -4.31 0.02
CA GLN A 122 -16.32 -3.10 -0.58
C GLN A 122 -17.35 -2.43 0.33
N HIS A 123 -17.29 -1.11 0.37
CA HIS A 123 -18.29 -0.33 1.06
C HIS A 123 -19.67 -0.63 0.47
N PRO A 124 -20.72 -0.76 1.30
CA PRO A 124 -22.02 -1.15 0.76
C PRO A 124 -22.65 -0.12 -0.19
N GLU A 125 -22.32 1.17 -0.06
CA GLU A 125 -22.84 2.18 -0.98
C GLU A 125 -21.86 2.58 -2.08
N VAL A 126 -20.56 2.60 -1.80
CA VAL A 126 -19.55 3.06 -2.74
C VAL A 126 -18.61 1.88 -3.00
N THR A 127 -18.85 1.17 -4.09
CA THR A 127 -18.12 -0.06 -4.38
C THR A 127 -16.60 0.14 -4.40
N GLU A 128 -16.14 1.32 -4.82
CA GLU A 128 -14.73 1.59 -5.00
C GLU A 128 -14.01 1.84 -3.68
N ILE A 129 -14.73 1.96 -2.58
CA ILE A 129 -14.13 2.15 -1.26
C ILE A 129 -13.92 0.78 -0.63
N PHE A 130 -12.67 0.52 -0.26
CA PHE A 130 -12.26 -0.63 0.49
C PHE A 130 -12.35 -0.27 1.97
N VAL A 131 -12.94 -1.15 2.77
CA VAL A 131 -13.24 -0.84 4.17
C VAL A 131 -12.52 -1.83 5.06
N SER A 132 -11.72 -1.31 5.98
CA SER A 132 -11.15 -2.10 7.06
C SER A 132 -11.87 -1.68 8.33
N SER A 133 -12.50 -2.63 9.02
CA SER A 133 -13.39 -2.25 10.12
C SER A 133 -13.65 -3.42 11.05
N ASN A 134 -13.60 -3.16 12.36
CA ASN A 134 -14.11 -4.09 13.37
C ASN A 134 -15.29 -3.49 14.13
N VAL A 135 -16.00 -2.54 13.54
CA VAL A 135 -17.15 -1.90 14.19
C VAL A 135 -18.39 -2.26 13.39
N PRO A 136 -19.25 -3.15 13.89
CA PRO A 136 -20.48 -3.49 13.15
C PRO A 136 -21.35 -2.25 12.94
N GLU A 137 -22.03 -2.22 11.80
CA GLU A 137 -23.00 -1.17 11.50
C GLU A 137 -24.37 -1.82 11.39
N ASN A 138 -25.28 -1.44 12.31
CA ASN A 138 -26.59 -2.08 12.44
C ASN A 138 -26.45 -3.60 12.56
N GLY A 139 -25.44 -4.04 13.31
CA GLY A 139 -25.20 -5.45 13.48
C GLY A 139 -24.55 -6.17 12.31
N LYS A 140 -24.29 -5.48 11.20
CA LYS A 140 -23.66 -6.10 10.05
C LYS A 140 -22.16 -5.81 10.03
N GLN A 141 -21.37 -6.80 9.64
CA GLN A 141 -19.95 -6.57 9.39
C GLN A 141 -19.80 -5.80 8.08
N ILE A 142 -19.24 -4.61 8.14
CA ILE A 142 -18.93 -3.81 6.95
C ILE A 142 -17.44 -3.95 6.68
N GLY A 143 -17.07 -4.24 5.44
CA GLY A 143 -15.67 -4.47 5.18
C GLY A 143 -15.12 -5.68 5.94
N VAL A 144 -13.83 -5.61 6.25
CA VAL A 144 -13.09 -6.75 6.77
C VAL A 144 -12.26 -6.28 7.96
N PRO A 145 -12.21 -7.02 9.07
CA PRO A 145 -11.45 -6.54 10.23
C PRO A 145 -9.96 -6.74 10.06
N LYS A 146 -9.19 -5.78 10.59
CA LYS A 146 -7.75 -5.95 10.82
C LYS A 146 -6.98 -6.27 9.53
N THR A 147 -7.18 -5.45 8.49
CA THR A 147 -6.51 -5.72 7.23
C THR A 147 -5.05 -5.26 7.26
N GLY A 148 -4.25 -5.83 6.36
CA GLY A 148 -2.92 -5.33 6.07
C GLY A 148 -1.92 -5.40 7.21
N LYS A 149 -2.02 -6.40 8.09
CA LYS A 149 -1.08 -6.53 9.20
C LYS A 149 0.16 -7.34 8.81
N PHE A 150 0.82 -6.86 7.75
CA PHE A 150 1.99 -7.49 7.15
C PHE A 150 2.55 -6.48 6.15
N TRP A 151 3.85 -6.57 5.90
CA TRP A 151 4.48 -5.66 4.94
C TRP A 151 4.02 -5.97 3.52
N HIS A 152 3.58 -4.93 2.81
CA HIS A 152 3.19 -5.12 1.43
C HIS A 152 3.06 -3.78 0.73
N ALA A 153 3.02 -3.86 -0.60
CA ALA A 153 2.50 -2.79 -1.44
C ALA A 153 1.17 -3.24 -1.98
N ASP A 154 0.22 -2.31 -2.14
CA ASP A 154 -1.13 -2.71 -2.52
C ASP A 154 -1.15 -3.19 -3.96
N TYR A 155 -1.85 -4.31 -4.19
CA TYR A 155 -2.05 -4.97 -5.48
C TYR A 155 -0.74 -5.49 -6.08
N GLN A 156 0.29 -5.65 -5.23
CA GLN A 156 1.59 -6.17 -5.69
C GLN A 156 1.45 -7.57 -6.27
N PHE A 157 0.41 -8.32 -5.86
CA PHE A 157 0.14 -9.67 -6.33
C PHE A 157 -0.72 -9.67 -7.59
N MET A 158 -1.02 -8.50 -8.16
CA MET A 158 -1.86 -8.36 -9.34
C MET A 158 -1.03 -7.94 -10.55
N PRO A 159 -1.49 -8.27 -11.77
CA PRO A 159 -0.70 -7.92 -12.97
C PRO A 159 -0.48 -6.42 -13.15
N ASP A 160 -1.37 -5.56 -12.66
CA ASP A 160 -1.37 -4.13 -12.99
C ASP A 160 -1.63 -3.30 -11.73
N PRO A 161 -0.61 -3.14 -10.88
CA PRO A 161 -0.80 -2.36 -9.64
C PRO A 161 -0.96 -0.88 -9.92
N PHE A 162 -1.73 -0.21 -9.05
CA PHE A 162 -2.00 1.21 -9.17
C PHE A 162 -0.94 2.00 -8.42
N GLY A 163 -0.85 3.29 -8.77
CA GLY A 163 0.26 4.06 -8.26
C GLY A 163 0.01 4.81 -6.98
N ILE A 164 -1.25 5.04 -6.62
CA ILE A 164 -1.57 5.90 -5.48
C ILE A 164 -2.61 5.22 -4.60
N THR A 165 -2.33 5.17 -3.29
CA THR A 165 -3.29 4.70 -2.30
C THR A 165 -3.72 5.85 -1.40
N LEU A 166 -5.00 5.92 -1.10
CA LEU A 166 -5.60 6.90 -0.19
C LEU A 166 -6.25 6.20 0.99
N ILE A 167 -5.91 6.61 2.20
CA ILE A 167 -6.52 6.11 3.43
C ILE A 167 -7.22 7.26 4.13
N TYR A 168 -8.48 7.06 4.47
CA TYR A 168 -9.28 8.04 5.22
C TYR A 168 -9.73 7.36 6.50
N PRO A 169 -8.99 7.49 7.59
CA PRO A 169 -9.41 6.88 8.86
C PRO A 169 -10.75 7.46 9.34
N GLN A 170 -11.63 6.58 9.80
CA GLN A 170 -12.96 6.95 10.28
C GLN A 170 -13.05 6.88 11.79
N VAL A 171 -12.62 5.76 12.36
CA VAL A 171 -12.55 5.55 13.79
C VAL A 171 -11.12 5.19 14.09
N ILE A 172 -10.48 5.97 14.95
CA ILE A 172 -9.03 5.91 15.16
C ILE A 172 -8.79 5.38 16.58
N PRO A 173 -7.99 4.34 16.75
CA PRO A 173 -7.71 3.86 18.11
C PRO A 173 -6.85 4.87 18.86
N GLU A 174 -6.97 4.84 20.19
CA GLU A 174 -6.16 5.75 20.98
C GLU A 174 -4.77 5.19 21.24
N LYS A 175 -4.61 3.86 21.27
CA LYS A 175 -3.31 3.28 21.56
C LYS A 175 -2.48 3.09 20.29
N ASN A 176 -2.28 1.85 19.87
CA ASN A 176 -1.33 1.52 18.79
C ASN A 176 -1.86 2.11 17.48
N ARG A 177 -1.65 3.40 17.31
CA ARG A 177 -2.23 4.17 16.23
C ARG A 177 -1.19 4.43 15.15
N GLY A 178 -1.61 4.33 13.89
CA GLY A 178 -0.79 4.70 12.76
C GLY A 178 -0.47 3.51 11.86
N THR A 179 0.40 3.78 10.88
CA THR A 179 0.80 2.80 9.87
C THR A 179 2.31 2.92 9.67
N TYR A 180 3.01 1.78 9.65
CA TYR A 180 4.43 1.77 9.32
C TYR A 180 4.65 1.82 7.82
N PHE A 181 5.78 2.41 7.41
CA PHE A 181 6.14 2.54 6.00
C PHE A 181 7.63 2.33 5.84
N ILE A 182 8.01 1.78 4.69
CA ILE A 182 9.40 1.72 4.25
C ILE A 182 9.44 2.24 2.82
N ASP A 183 10.35 3.17 2.54
CA ASP A 183 10.60 3.66 1.19
C ASP A 183 11.55 2.68 0.53
N MET A 184 11.05 1.92 -0.43
CA MET A 184 11.88 0.87 -1.03
C MET A 184 12.81 1.39 -2.11
N GLY A 185 12.61 2.63 -2.60
CA GLY A 185 13.65 3.27 -3.39
C GLY A 185 14.86 3.61 -2.53
N ARG A 186 14.61 4.27 -1.40
CA ARG A 186 15.68 4.55 -0.45
C ARG A 186 16.28 3.26 0.12
N ALA A 187 15.44 2.26 0.38
CA ALA A 187 15.98 1.00 0.91
C ALA A 187 16.90 0.34 -0.12
N TYR A 188 16.56 0.41 -1.41
CA TYR A 188 17.46 -0.09 -2.43
C TYR A 188 18.81 0.62 -2.37
N ASP A 189 18.78 1.96 -2.33
CA ASP A 189 20.01 2.74 -2.35
CA ASP A 189 20.01 2.74 -2.35
C ASP A 189 20.94 2.36 -1.20
N ARG A 190 20.38 2.10 -0.02
CA ARG A 190 21.18 1.75 1.14
C ARG A 190 21.56 0.27 1.20
N LEU A 191 21.29 -0.51 0.16
CA LEU A 191 21.68 -1.92 0.19
C LEU A 191 23.20 -2.05 0.10
N PRO A 192 23.79 -3.03 0.77
CA PRO A 192 25.19 -3.39 0.49
C PRO A 192 25.37 -3.65 -0.99
N GLU A 193 26.46 -3.17 -1.55
CA GLU A 193 26.63 -3.22 -3.00
C GLU A 193 26.76 -4.64 -3.53
N ASP A 194 27.11 -5.61 -2.68
CA ASP A 194 27.13 -7.00 -3.13
C ASP A 194 25.71 -7.54 -3.27
N LEU A 195 24.80 -7.09 -2.41
CA LEU A 195 23.40 -7.46 -2.56
C LEU A 195 22.80 -6.83 -3.82
N LYS A 196 23.18 -5.58 -4.13
CA LYS A 196 22.70 -4.93 -5.35
C LYS A 196 23.13 -5.70 -6.59
N LYS A 197 24.35 -6.22 -6.60
CA LYS A 197 24.79 -6.99 -7.76
C LYS A 197 24.10 -8.34 -7.83
N GLU A 198 23.90 -8.99 -6.68
CA GLU A 198 23.25 -10.29 -6.69
C GLU A 198 21.84 -10.23 -7.30
N ILE A 199 21.08 -9.16 -7.00
CA ILE A 199 19.73 -9.09 -7.51
C ILE A 199 19.64 -8.43 -8.88
N SER A 200 20.78 -8.06 -9.47
CA SER A 200 20.76 -7.44 -10.79
C SER A 200 20.18 -8.40 -11.84
N GLY A 201 19.23 -7.92 -12.62
CA GLY A 201 18.60 -8.76 -13.63
C GLY A 201 17.66 -9.85 -13.11
N THR A 202 17.33 -9.88 -11.82
CA THR A 202 16.44 -10.92 -11.34
C THR A 202 14.97 -10.49 -11.46
N TYR A 203 14.08 -11.48 -11.34
CA TYR A 203 12.65 -11.28 -11.28
C TYR A 203 12.13 -11.89 -9.99
N CYS A 204 11.06 -11.31 -9.47
CA CYS A 204 10.38 -11.83 -8.29
C CYS A 204 8.96 -12.24 -8.66
N ARG A 205 8.42 -13.22 -7.93
CA ARG A 205 7.04 -13.65 -8.07
C ARG A 205 6.26 -13.21 -6.84
N HIS A 206 5.05 -12.70 -7.06
CA HIS A 206 4.27 -12.13 -5.98
C HIS A 206 2.90 -12.79 -5.96
N SER A 207 2.42 -13.10 -4.75
CA SER A 207 1.19 -13.84 -4.60
C SER A 207 0.48 -13.43 -3.32
N VAL A 208 -0.86 -13.41 -3.38
CA VAL A 208 -1.70 -13.13 -2.21
C VAL A 208 -1.91 -14.36 -1.35
N ARG A 209 -1.28 -15.50 -1.68
CA ARG A 209 -1.71 -16.77 -1.09
C ARG A 209 -1.48 -16.82 0.42
N LYS A 210 -0.53 -16.08 0.96
CA LYS A 210 -0.28 -16.19 2.40
C LYS A 210 -1.31 -15.41 3.22
N TYR A 211 -1.84 -14.30 2.73
CA TYR A 211 -2.71 -13.47 3.54
C TYR A 211 -4.13 -13.35 2.99
N PHE A 212 -4.48 -14.11 1.95
CA PHE A 212 -5.87 -14.16 1.51
C PHE A 212 -6.78 -14.47 2.70
N LYS A 213 -7.85 -13.69 2.86
CA LYS A 213 -8.73 -13.85 4.01
C LYS A 213 -9.95 -14.69 3.65
N ILE A 214 -10.30 -15.61 4.55
CA ILE A 214 -11.49 -16.43 4.40
C ILE A 214 -12.74 -15.56 4.33
N ARG A 215 -13.60 -15.88 3.40
CA ARG A 215 -14.85 -15.18 3.16
C ARG A 215 -16.02 -15.95 3.78
N PRO A 216 -17.13 -15.25 4.07
CA PRO A 216 -18.25 -15.91 4.74
C PRO A 216 -18.78 -17.15 4.02
N HIS A 217 -18.86 -17.11 2.69
CA HIS A 217 -19.37 -18.27 1.98
C HIS A 217 -18.34 -19.42 1.89
N ASP A 218 -17.13 -19.23 2.42
CA ASP A 218 -16.15 -20.31 2.51
C ASP A 218 -16.38 -21.26 3.68
N VAL A 219 -17.18 -20.85 4.69
CA VAL A 219 -17.38 -21.68 5.87
C VAL A 219 -17.93 -23.04 5.45
N TYR A 220 -17.38 -24.10 6.06
CA TYR A 220 -17.69 -25.52 5.82
C TYR A 220 -17.12 -26.04 4.51
N ARG A 221 -16.36 -25.21 3.73
CA ARG A 221 -15.77 -25.75 2.51
C ARG A 221 -14.39 -26.29 2.80
N PRO A 222 -13.93 -27.30 2.06
CA PRO A 222 -12.58 -27.83 2.30
C PRO A 222 -11.55 -26.78 1.98
N ILE A 223 -10.51 -26.73 2.81
CA ILE A 223 -9.50 -25.70 2.71
C ILE A 223 -8.81 -25.75 1.34
N SER A 224 -8.56 -26.95 0.81
CA SER A 224 -7.85 -27.08 -0.47
C SER A 224 -8.64 -26.46 -1.62
N GLU A 225 -9.96 -26.43 -1.51
CA GLU A 225 -10.77 -25.84 -2.57
C GLU A 225 -10.61 -24.33 -2.62
N ILE A 226 -10.45 -23.70 -1.45
CA ILE A 226 -10.20 -22.27 -1.38
C ILE A 226 -8.79 -21.95 -1.88
N ILE A 227 -7.79 -22.73 -1.46
CA ILE A 227 -6.43 -22.53 -1.94
C ILE A 227 -6.41 -22.63 -3.47
N GLU A 228 -7.09 -23.62 -4.04
CA GLU A 228 -7.12 -23.75 -5.49
C GLU A 228 -7.78 -22.54 -6.15
N GLU A 229 -8.90 -22.06 -5.59
CA GLU A 229 -9.56 -20.90 -6.16
C GLU A 229 -8.64 -19.67 -6.14
N VAL A 230 -7.92 -19.46 -5.05
CA VAL A 230 -6.98 -18.34 -5.00
C VAL A 230 -5.95 -18.45 -6.13
N GLU A 231 -5.35 -19.63 -6.31
CA GLU A 231 -4.35 -19.81 -7.36
C GLU A 231 -4.94 -19.72 -8.75
N ARG A 232 -6.23 -19.98 -8.89
CA ARG A 232 -6.84 -19.85 -10.20
C ARG A 232 -7.18 -18.39 -10.52
N LYS A 233 -7.78 -17.67 -9.57
CA LYS A 233 -8.22 -16.30 -9.82
C LYS A 233 -7.05 -15.31 -9.78
N THR A 234 -6.09 -15.51 -8.88
CA THR A 234 -4.97 -14.60 -8.71
C THR A 234 -3.69 -15.42 -8.68
N PRO A 235 -3.30 -16.00 -9.81
CA PRO A 235 -2.01 -16.69 -9.88
C PRO A 235 -0.89 -15.71 -9.60
N ALA A 236 0.24 -16.24 -9.14
CA ALA A 236 1.41 -15.43 -8.86
C ALA A 236 1.82 -14.65 -10.11
N VAL A 237 2.25 -13.41 -9.91
CA VAL A 237 2.64 -12.54 -11.01
C VAL A 237 4.14 -12.29 -10.91
N VAL A 238 4.78 -12.06 -12.05
CA VAL A 238 6.21 -11.83 -12.11
C VAL A 238 6.46 -10.35 -12.40
N GLN A 239 7.42 -9.76 -11.69
CA GLN A 239 7.91 -8.42 -11.93
C GLN A 239 9.42 -8.44 -11.89
N PRO A 240 10.11 -7.53 -12.56
CA PRO A 240 11.53 -7.34 -12.27
C PRO A 240 11.71 -7.00 -10.80
N THR A 241 12.80 -7.50 -10.22
CA THR A 241 13.04 -7.28 -8.81
C THR A 241 13.19 -5.80 -8.50
N THR A 242 13.80 -5.04 -9.41
CA THR A 242 13.88 -3.59 -9.31
C THR A 242 13.35 -2.97 -10.59
N PHE A 243 12.85 -1.74 -10.47
CA PHE A 243 12.41 -1.03 -11.66
C PHE A 243 12.65 0.45 -11.46
N THR A 244 12.54 1.19 -12.55
CA THR A 244 12.68 2.64 -12.52
C THR A 244 11.32 3.27 -12.27
N HIS A 245 11.21 4.06 -11.22
CA HIS A 245 9.98 4.79 -10.95
C HIS A 245 9.67 5.71 -12.13
N PRO A 246 8.53 5.56 -12.80
CA PRO A 246 8.29 6.33 -14.03
C PRO A 246 8.03 7.82 -13.82
N MET A 247 7.84 8.30 -12.58
CA MET A 247 7.67 9.72 -12.33
C MET A 247 8.96 10.40 -11.84
N THR A 248 9.80 9.66 -11.12
CA THR A 248 10.97 10.22 -10.48
C THR A 248 12.29 9.67 -10.99
N GLY A 249 12.28 8.57 -11.74
CA GLY A 249 13.53 7.97 -12.15
C GLY A 249 14.27 7.19 -11.08
N GLU A 250 13.79 7.17 -9.82
CA GLU A 250 14.45 6.34 -8.80
C GLU A 250 14.37 4.85 -9.14
N THR A 251 15.33 4.10 -8.60
CA THR A 251 15.30 2.64 -8.66
C THR A 251 14.57 2.11 -7.43
N VAL A 252 13.51 1.34 -7.64
CA VAL A 252 12.68 0.81 -6.56
C VAL A 252 12.94 -0.68 -6.42
N LEU A 253 13.18 -1.13 -5.19
CA LEU A 253 13.26 -2.57 -4.89
C LEU A 253 11.84 -3.05 -4.57
N TYR A 254 11.22 -3.75 -5.51
CA TYR A 254 9.79 -4.06 -5.43
C TYR A 254 9.58 -5.45 -4.86
N ILE A 255 9.73 -5.56 -3.52
CA ILE A 255 9.48 -6.82 -2.79
C ILE A 255 8.83 -6.50 -1.46
N SER A 256 8.10 -7.48 -0.92
CA SER A 256 7.54 -7.34 0.42
C SER A 256 7.41 -8.71 1.05
N GLU A 257 7.60 -8.76 2.38
CA GLU A 257 7.44 -10.00 3.12
C GLU A 257 6.04 -10.57 2.95
N GLY A 258 5.03 -9.70 2.84
CA GLY A 258 3.67 -10.20 2.71
C GLY A 258 3.40 -10.96 1.43
N PHE A 259 3.89 -10.45 0.28
CA PHE A 259 3.45 -10.96 -1.01
C PHE A 259 4.55 -11.60 -1.86
N THR A 260 5.82 -11.32 -1.62
CA THR A 260 6.86 -11.81 -2.52
C THR A 260 7.23 -13.24 -2.12
N VAL A 261 7.02 -14.19 -3.01
CA VAL A 261 7.16 -15.60 -2.66
C VAL A 261 8.36 -16.28 -3.33
N GLY A 262 9.05 -15.62 -4.24
CA GLY A 262 10.20 -16.25 -4.88
C GLY A 262 10.95 -15.26 -5.74
N ILE A 263 12.18 -15.64 -6.06
CA ILE A 263 13.04 -14.81 -6.90
C ILE A 263 13.81 -15.75 -7.83
N GLU A 264 14.06 -15.29 -9.06
CA GLU A 264 14.67 -16.11 -10.10
C GLU A 264 15.58 -15.23 -10.94
N ASP A 265 16.54 -15.84 -11.64
CA ASP A 265 17.45 -15.03 -12.42
C ASP A 265 16.85 -14.76 -13.81
N GLN A 266 17.60 -14.02 -14.64
CA GLN A 266 17.04 -13.58 -15.92
C GLN A 266 16.67 -14.75 -16.82
N ASP A 267 17.34 -15.89 -16.65
CA ASP A 267 17.06 -17.10 -17.41
C ASP A 267 15.88 -17.88 -16.87
N GLY A 268 15.24 -17.43 -15.79
CA GLY A 268 14.12 -18.12 -15.18
C GLY A 268 14.51 -19.17 -14.16
N LYS A 269 15.77 -19.26 -13.80
CA LYS A 269 16.23 -20.26 -12.85
C LYS A 269 15.89 -19.83 -11.43
N PRO A 270 15.12 -20.62 -10.67
CA PRO A 270 14.79 -20.24 -9.30
C PRO A 270 16.05 -20.12 -8.44
N LEU A 271 16.06 -19.10 -7.59
CA LEU A 271 17.18 -18.86 -6.69
C LEU A 271 16.77 -19.27 -5.28
N ASP A 272 17.75 -19.65 -4.47
CA ASP A 272 17.47 -19.99 -3.07
C ASP A 272 16.68 -18.86 -2.41
N GLU A 273 15.59 -19.21 -1.72
CA GLU A 273 14.78 -18.20 -1.06
C GLU A 273 15.53 -17.47 0.05
N GLU A 274 16.65 -18.04 0.51
CA GLU A 274 17.54 -17.28 1.38
C GLU A 274 17.87 -15.89 0.83
N LEU A 275 18.00 -15.75 -0.51
CA LEU A 275 18.22 -14.40 -1.06
C LEU A 275 17.08 -13.44 -0.68
N LEU A 276 15.83 -13.87 -0.80
CA LEU A 276 14.72 -13.02 -0.38
C LEU A 276 14.78 -12.69 1.10
N LYS A 277 15.09 -13.68 1.94
CA LYS A 277 15.18 -13.46 3.39
C LYS A 277 16.27 -12.44 3.72
N ARG A 278 17.40 -12.50 3.00
CA ARG A 278 18.45 -11.51 3.21
C ARG A 278 18.02 -10.12 2.76
N LEU A 279 17.17 -10.02 1.73
CA LEU A 279 16.69 -8.72 1.27
C LEU A 279 15.64 -8.16 2.23
N PHE A 280 14.73 -9.01 2.73
CA PHE A 280 13.81 -8.58 3.77
C PHE A 280 14.57 -8.09 5.00
N ASP A 281 15.58 -8.85 5.41
CA ASP A 281 16.34 -8.49 6.60
C ASP A 281 17.03 -7.14 6.42
N ALA A 282 17.74 -6.97 5.31
CA ALA A 282 18.50 -5.74 5.09
C ALA A 282 17.59 -4.51 4.97
N THR A 283 16.35 -4.65 4.50
CA THR A 283 15.49 -3.48 4.29
C THR A 283 14.62 -3.17 5.49
N GLY A 284 14.64 -3.98 6.53
CA GLY A 284 13.92 -3.67 7.76
C GLY A 284 12.62 -4.41 7.95
N GLN A 285 12.25 -5.31 7.05
CA GLN A 285 10.95 -5.96 7.09
C GLN A 285 10.89 -7.13 8.06
N LEU A 286 12.01 -7.59 8.60
CA LEU A 286 12.00 -8.67 9.57
C LEU A 286 12.22 -8.19 11.00
N ASP A 287 12.30 -6.88 11.21
CA ASP A 287 12.55 -6.30 12.53
C ASP A 287 11.22 -6.14 13.23
N GLU A 288 10.89 -7.08 14.10
CA GLU A 288 9.60 -7.04 14.78
C GLU A 288 9.56 -6.02 15.91
N SER A 289 10.65 -5.32 16.18
CA SER A 289 10.62 -4.18 17.08
C SER A 289 10.34 -2.86 16.37
N PHE A 290 10.41 -2.83 15.04
CA PHE A 290 10.16 -1.63 14.23
C PHE A 290 11.08 -0.46 14.61
N GLU A 291 12.30 -0.78 15.01
CA GLU A 291 13.31 0.24 15.31
C GLU A 291 14.28 0.45 14.16
N HIS A 292 14.19 -0.37 13.12
CA HIS A 292 15.11 -0.28 12.00
C HIS A 292 15.06 1.10 11.37
N ASP A 293 16.23 1.54 10.87
CA ASP A 293 16.41 2.88 10.32
C ASP A 293 15.48 3.18 9.15
N ASN A 294 15.06 2.15 8.40
CA ASN A 294 14.22 2.37 7.22
C ASN A 294 12.76 2.62 7.57
N ILE A 295 12.34 2.28 8.77
CA ILE A 295 10.93 2.25 9.12
C ILE A 295 10.48 3.62 9.55
N HIS A 296 9.41 4.10 8.96
CA HIS A 296 8.80 5.36 9.33
C HIS A 296 7.42 5.05 9.89
N LEU A 297 7.14 5.51 11.11
CA LEU A 297 5.80 5.40 11.68
C LEU A 297 5.02 6.67 11.36
N GLN A 298 3.92 6.52 10.65
CA GLN A 298 3.07 7.64 10.28
C GLN A 298 1.83 7.61 11.16
N SER A 299 1.70 8.59 12.03
CA SER A 299 0.49 8.70 12.82
C SER A 299 -0.49 9.65 12.14
N PHE A 300 -1.66 9.80 12.74
CA PHE A 300 -2.67 10.70 12.19
C PHE A 300 -3.70 11.01 13.27
N GLU A 301 -4.44 12.08 13.04
CA GLU A 301 -5.52 12.51 13.91
C GLU A 301 -6.79 12.60 13.09
N GLN A 302 -7.91 12.82 13.78
CA GLN A 302 -9.21 12.87 13.12
C GLN A 302 -9.19 13.92 12.01
N GLY A 303 -9.79 13.57 10.87
CA GLY A 303 -9.78 14.45 9.71
C GLY A 303 -8.56 14.33 8.81
N ASP A 304 -7.48 13.69 9.26
CA ASP A 304 -6.37 13.40 8.37
C ASP A 304 -6.78 12.41 7.28
N LEU A 305 -6.19 12.59 6.10
CA LEU A 305 -6.38 11.68 4.98
C LEU A 305 -5.02 11.47 4.33
N LEU A 306 -4.51 10.25 4.36
CA LEU A 306 -3.18 9.94 3.84
C LEU A 306 -3.24 9.51 2.38
N VAL A 307 -2.36 10.08 1.56
CA VAL A 307 -2.22 9.75 0.14
C VAL A 307 -0.76 9.37 -0.06
N TRP A 308 -0.50 8.20 -0.65
CA TRP A 308 0.92 7.85 -0.72
C TRP A 308 1.27 7.12 -2.01
N ASP A 309 2.58 7.05 -2.21
CA ASP A 309 3.21 6.52 -3.41
C ASP A 309 3.24 5.00 -3.27
N ASN A 310 2.32 4.33 -3.95
CA ASN A 310 2.21 2.87 -3.86
C ASN A 310 3.21 2.15 -4.77
N ARG A 311 4.04 2.89 -5.52
CA ARG A 311 5.16 2.28 -6.21
C ARG A 311 6.35 2.15 -5.29
N SER A 312 6.68 3.24 -4.57
CA SER A 312 7.90 3.36 -3.78
C SER A 312 7.77 2.73 -2.40
N LEU A 313 6.57 2.72 -1.84
CA LEU A 313 6.39 2.42 -0.43
C LEU A 313 5.80 1.03 -0.25
N ILE A 314 6.26 0.35 0.80
CA ILE A 314 5.50 -0.72 1.39
C ILE A 314 5.01 -0.23 2.75
N HIS A 315 3.99 -0.90 3.26
CA HIS A 315 3.44 -0.47 4.53
C HIS A 315 2.84 -1.65 5.26
N ARG A 316 2.45 -1.38 6.50
CA ARG A 316 2.03 -2.43 7.41
C ARG A 316 1.19 -1.78 8.51
N ALA A 317 0.00 -2.30 8.74
CA ALA A 317 -0.82 -1.82 9.85
C ALA A 317 -0.20 -2.22 11.19
N ARG A 318 -0.49 -1.43 12.22
CA ARG A 318 -0.01 -1.74 13.55
C ARG A 318 -0.90 -2.76 14.24
N HIS A 319 -0.28 -3.67 14.98
CA HIS A 319 -1.03 -4.62 15.79
C HIS A 319 -1.41 -3.97 17.13
N THR A 320 -2.69 -4.05 17.50
CA THR A 320 -3.16 -3.56 18.79
C THR A 320 -3.20 -4.70 19.78
N THR A 321 -2.69 -4.45 20.98
CA THR A 321 -2.69 -5.42 22.06
C THR A 321 -4.00 -5.45 22.84
N THR A 322 -4.85 -4.45 22.65
CA THR A 322 -6.16 -4.37 23.28
C THR A 322 -7.22 -4.15 22.21
N PRO A 323 -8.42 -4.67 22.42
CA PRO A 323 -9.49 -4.53 21.41
C PRO A 323 -10.09 -3.13 21.43
N GLU A 324 -9.77 -2.35 20.40
CA GLU A 324 -10.27 -1.00 20.20
C GLU A 324 -10.97 -0.90 18.86
N PRO A 325 -12.05 -0.13 18.78
CA PRO A 325 -12.67 0.14 17.48
C PRO A 325 -11.68 0.80 16.52
N THR A 326 -11.73 0.37 15.26
CA THR A 326 -10.78 0.84 14.24
C THR A 326 -11.46 0.68 12.89
N VAL A 327 -11.66 1.80 12.19
CA VAL A 327 -12.33 1.82 10.90
C VAL A 327 -11.56 2.76 9.97
N SER A 328 -11.22 2.27 8.78
CA SER A 328 -10.52 3.05 7.76
C SER A 328 -11.15 2.76 6.42
N TYR A 329 -11.29 3.81 5.61
CA TYR A 329 -11.73 3.72 4.23
C TYR A 329 -10.54 3.91 3.30
N ARG A 330 -10.55 3.18 2.19
N ARG A 330 -10.53 3.17 2.19
CA ARG A 330 -9.43 3.24 1.26
CA ARG A 330 -9.42 3.19 1.25
C ARG A 330 -9.94 3.34 -0.17
C ARG A 330 -9.93 3.31 -0.18
N VAL A 331 -9.26 4.16 -0.96
CA VAL A 331 -9.47 4.27 -2.40
C VAL A 331 -8.12 4.10 -3.07
N THR A 332 -8.08 3.35 -4.17
CA THR A 332 -6.83 3.07 -4.85
C THR A 332 -6.95 3.49 -6.31
N VAL A 333 -6.01 4.29 -6.82
CA VAL A 333 -6.20 4.94 -8.12
C VAL A 333 -5.02 4.71 -9.05
N HIS A 334 -5.32 4.47 -10.32
CA HIS A 334 -4.33 4.40 -11.38
C HIS A 334 -4.03 5.82 -11.86
N ASP A 335 -2.75 6.19 -11.94
CA ASP A 335 -2.42 7.51 -12.44
C ASP A 335 -1.99 7.42 -13.91
N GLU A 336 -1.17 8.36 -14.37
CA GLU A 336 -0.96 8.45 -15.82
C GLU A 336 0.06 7.45 -16.36
N ARG A 337 0.72 6.67 -15.51
CA ARG A 337 1.64 5.63 -15.95
C ARG A 337 1.32 4.32 -15.26
N LYS A 338 1.78 3.23 -15.86
CA LYS A 338 1.75 1.93 -15.20
C LYS A 338 2.73 1.92 -14.02
N LEU A 339 2.79 0.78 -13.32
CA LEU A 339 3.71 0.64 -12.19
C LEU A 339 5.13 1.01 -12.60
N HIS A 340 5.60 0.43 -13.70
CA HIS A 340 6.85 0.80 -14.34
C HIS A 340 6.62 0.71 -15.85
N ASP A 341 7.54 1.28 -16.62
CA ASP A 341 7.26 1.40 -18.04
C ASP A 341 7.43 0.08 -18.80
N GLY A 342 7.74 -1.03 -18.13
CA GLY A 342 7.70 -2.34 -18.74
C GLY A 342 6.36 -3.06 -18.71
N ILE A 343 5.31 -2.47 -18.15
CA ILE A 343 4.01 -3.15 -18.11
C ILE A 343 3.20 -2.90 -19.39
#